data_4I45
#
_entry.id   4I45
#
_cell.length_a   51.292
_cell.length_b   54.362
_cell.length_c   88.363
_cell.angle_alpha   90.00
_cell.angle_beta   90.00
_cell.angle_gamma   90.00
#
_symmetry.space_group_name_H-M   'I 2 2 2'
#
loop_
_entity.id
_entity.type
_entity.pdbx_description
1 polymer 'ORF6 thioesterase'
2 non-polymer 'MAGNESIUM ION'
3 water water
#
_entity_poly.entity_id   1
_entity_poly.type   'polypeptide(L)'
_entity_poly.pdbx_seq_one_letter_code
;GSMSKIYHHPVQIYYEDTDHSGVVYHPNFLKYFERAREHVIDSDKLATLWNDHGLGFAVYKANMIFQDGVEFAEICDIRT
SFTLDGKYKTLWRQEVWRPGASRAAVIGDIEMVCLDKEKRLQPVPADILASMMAD
;
_entity_poly.pdbx_strand_id   A
#
loop_
_chem_comp.id
_chem_comp.type
_chem_comp.name
_chem_comp.formula
MG non-polymer 'MAGNESIUM ION' 'Mg 2'
#
# COMPACT_ATOMS: atom_id res chain seq x y z
N SER A 4 -5.44 -12.08 1.79
CA SER A 4 -4.55 -11.90 2.97
C SER A 4 -5.39 -11.46 4.21
N LYS A 5 -4.77 -11.46 5.39
CA LYS A 5 -5.34 -10.78 6.58
C LYS A 5 -5.21 -9.27 6.45
N ILE A 6 -5.81 -8.52 7.40
CA ILE A 6 -5.68 -7.05 7.48
C ILE A 6 -4.44 -6.72 8.29
N TYR A 7 -3.50 -6.04 7.65
CA TYR A 7 -2.31 -5.53 8.31
C TYR A 7 -2.60 -4.09 8.79
N HIS A 8 -1.92 -3.70 9.86
CA HIS A 8 -2.01 -2.37 10.44
C HIS A 8 -0.68 -1.69 10.52
N HIS A 9 -0.63 -0.43 10.09
CA HIS A 9 0.61 0.34 10.11
C HIS A 9 0.34 1.74 10.59
N PRO A 10 0.99 2.16 11.68
CA PRO A 10 0.67 3.49 12.21
C PRO A 10 1.35 4.58 11.40
N VAL A 11 0.70 5.72 11.20
CA VAL A 11 1.35 6.88 10.60
C VAL A 11 1.05 8.10 11.46
N GLN A 12 2.11 8.81 11.83
CA GLN A 12 1.97 10.11 12.53
C GLN A 12 2.15 11.22 11.50
N ILE A 13 1.34 12.29 11.63
CA ILE A 13 1.40 13.43 10.74
C ILE A 13 2.27 14.52 11.34
N TYR A 14 3.39 14.81 10.64
CA TYR A 14 4.37 15.77 11.04
C TYR A 14 4.26 17.00 10.14
N TYR A 15 5.06 18.01 10.44
CA TYR A 15 5.11 19.19 9.57
C TYR A 15 5.33 18.88 8.10
N GLU A 16 6.20 17.90 7.82
CA GLU A 16 6.47 17.49 6.43
C GLU A 16 5.26 16.98 5.66
N ASP A 17 4.22 16.58 6.38
CA ASP A 17 3.05 15.95 5.82
C ASP A 17 1.88 16.87 5.43
N THR A 18 1.91 18.06 6.00
CA THR A 18 0.79 19.02 5.84
C THR A 18 1.14 20.07 4.82
N ASP A 19 0.14 20.79 4.31
CA ASP A 19 0.41 21.97 3.50
C ASP A 19 -0.28 23.15 4.22
N HIS A 20 -0.15 24.31 3.62
CA HIS A 20 -0.64 25.53 4.27
C HIS A 20 -2.14 25.62 4.30
N SER A 21 -2.86 24.76 3.57
CA SER A 21 -4.33 24.71 3.73
C SER A 21 -4.73 24.09 5.07
N GLY A 22 -3.75 23.53 5.78
CA GLY A 22 -3.96 23.01 7.14
C GLY A 22 -4.34 21.54 7.26
N VAL A 23 -4.09 20.73 6.24
CA VAL A 23 -4.36 19.29 6.29
C VAL A 23 -3.22 18.58 5.56
N VAL A 24 -3.23 17.26 5.67
CA VAL A 24 -2.24 16.44 4.95
C VAL A 24 -2.39 16.72 3.46
N TYR A 25 -1.25 16.93 2.80
CA TYR A 25 -1.17 17.20 1.36
C TYR A 25 -1.46 15.87 0.64
N HIS A 26 -2.48 15.84 -0.21
CA HIS A 26 -3.08 14.57 -0.66
C HIS A 26 -2.15 13.56 -1.33
N PRO A 27 -1.16 14.04 -2.09
CA PRO A 27 -0.27 13.02 -2.66
C PRO A 27 0.43 12.20 -1.61
N ASN A 28 0.60 12.69 -0.41
CA ASN A 28 1.26 11.94 0.64
C ASN A 28 0.59 10.65 1.04
N PHE A 29 -0.71 10.53 0.86
CA PHE A 29 -1.36 9.32 1.26
C PHE A 29 -0.84 8.08 0.49
N LEU A 30 -0.54 8.28 -0.79
CA LEU A 30 0.04 7.16 -1.54
C LEU A 30 1.40 6.73 -0.98
N LYS A 31 2.19 7.66 -0.48
CA LYS A 31 3.42 7.33 0.23
CA LYS A 31 3.42 7.34 0.27
C LYS A 31 3.14 6.46 1.45
N TYR A 32 2.15 6.84 2.27
CA TYR A 32 1.86 6.08 3.46
C TYR A 32 1.42 4.66 3.06
N PHE A 33 0.60 4.57 2.02
CA PHE A 33 0.22 3.28 1.49
C PHE A 33 1.44 2.44 1.04
N GLU A 34 2.39 3.09 0.40
CA GLU A 34 3.60 2.36 -0.02
C GLU A 34 4.34 1.85 1.23
N ARG A 35 4.54 2.71 2.22
CA ARG A 35 5.14 2.26 3.49
C ARG A 35 4.47 1.06 4.08
N ALA A 36 3.16 1.12 4.17
CA ALA A 36 2.40 0.04 4.77
C ALA A 36 2.62 -1.26 4.00
N ARG A 37 2.68 -1.16 2.67
CA ARG A 37 2.96 -2.35 1.84
C ARG A 37 4.35 -2.89 2.14
N GLU A 38 5.32 -2.01 2.43
CA GLU A 38 6.68 -2.48 2.80
C GLU A 38 6.69 -3.26 4.09
N HIS A 39 5.67 -3.11 4.92
CA HIS A 39 5.58 -3.93 6.10
C HIS A 39 4.87 -5.25 5.86
N VAL A 40 4.18 -5.36 4.73
CA VAL A 40 3.54 -6.61 4.33
C VAL A 40 4.58 -7.45 3.55
N ILE A 41 5.22 -6.83 2.55
CA ILE A 41 6.24 -7.51 1.75
C ILE A 41 7.52 -6.69 1.92
N ASP A 42 8.32 -7.14 2.87
CA ASP A 42 9.48 -6.39 3.29
C ASP A 42 10.64 -6.51 2.30
N SER A 43 11.68 -5.75 2.60
CA SER A 43 12.77 -5.58 1.68
CA SER A 43 12.82 -5.58 1.72
C SER A 43 13.49 -6.90 1.44
N ASP A 44 13.57 -7.75 2.47
CA ASP A 44 14.21 -9.06 2.34
C ASP A 44 13.43 -9.92 1.35
N LYS A 45 12.11 -9.92 1.46
CA LYS A 45 11.29 -10.68 0.51
C LYS A 45 11.48 -10.17 -0.93
N LEU A 46 11.47 -8.85 -1.13
CA LEU A 46 11.65 -8.21 -2.44
C LEU A 46 13.01 -8.56 -3.04
N ALA A 47 14.04 -8.55 -2.20
CA ALA A 47 15.40 -8.85 -2.63
C ALA A 47 15.51 -10.30 -3.05
N THR A 48 14.92 -11.19 -2.27
CA THR A 48 14.88 -12.63 -2.60
C THR A 48 14.15 -12.87 -3.91
N LEU A 49 13.02 -12.19 -4.12
CA LEU A 49 12.28 -12.30 -5.37
C LEU A 49 13.15 -11.88 -6.55
N TRP A 50 13.86 -10.77 -6.40
CA TRP A 50 14.67 -10.21 -7.47
C TRP A 50 15.82 -11.16 -7.82
N ASN A 51 16.54 -11.60 -6.80
CA ASN A 51 17.73 -12.43 -6.99
C ASN A 51 17.40 -13.83 -7.43
N ASP A 52 16.44 -14.50 -6.78
CA ASP A 52 16.05 -15.87 -7.16
C ASP A 52 15.23 -15.94 -8.43
N HIS A 53 14.34 -14.98 -8.68
CA HIS A 53 13.40 -15.07 -9.77
C HIS A 53 13.52 -14.00 -10.83
N GLY A 54 14.32 -12.95 -10.60
CA GLY A 54 14.42 -11.86 -11.60
C GLY A 54 13.12 -11.09 -11.78
N LEU A 55 12.32 -11.02 -10.72
CA LEU A 55 10.99 -10.42 -10.79
C LEU A 55 10.91 -9.27 -9.81
N GLY A 56 10.06 -8.29 -10.14
CA GLY A 56 9.73 -7.22 -9.21
C GLY A 56 8.29 -6.86 -9.33
N PHE A 57 7.81 -6.22 -8.28
CA PHE A 57 6.45 -5.71 -8.31
C PHE A 57 6.44 -4.23 -8.70
N ALA A 58 5.42 -3.86 -9.46
CA ALA A 58 5.20 -2.49 -9.85
C ALA A 58 3.76 -2.12 -9.60
N VAL A 59 3.53 -0.90 -9.16
CA VAL A 59 2.17 -0.36 -9.12
C VAL A 59 1.75 0.01 -10.52
N TYR A 60 0.68 -0.63 -10.97
CA TYR A 60 0.08 -0.32 -12.26
C TYR A 60 -1.07 0.70 -12.16
N LYS A 61 -1.92 0.53 -11.15
CA LYS A 61 -3.04 1.46 -10.98
C LYS A 61 -3.17 1.71 -9.51
N ALA A 62 -3.57 2.96 -9.22
CA ALA A 62 -3.95 3.41 -7.87
C ALA A 62 -5.16 4.34 -7.95
N ASN A 63 -6.26 3.87 -7.35
CA ASN A 63 -7.49 4.67 -7.32
C ASN A 63 -7.75 5.08 -5.91
N MET A 64 -7.70 6.40 -5.69
CA MET A 64 -7.77 7.05 -4.38
CA MET A 64 -7.89 6.91 -4.36
C MET A 64 -9.12 7.80 -4.21
N ILE A 65 -9.66 7.66 -3.00
CA ILE A 65 -10.82 8.49 -2.58
C ILE A 65 -10.39 9.17 -1.32
N PHE A 66 -10.52 10.51 -1.33
CA PHE A 66 -10.16 11.34 -0.19
C PHE A 66 -11.48 11.80 0.46
N GLN A 67 -11.81 11.21 1.60
CA GLN A 67 -13.14 11.37 2.22
C GLN A 67 -13.14 12.37 3.34
N ASP A 68 -12.03 12.67 3.96
CA ASP A 68 -11.93 13.67 5.02
C ASP A 68 -10.52 14.22 5.08
N GLY A 69 -10.34 15.47 5.47
CA GLY A 69 -9.03 16.03 5.72
C GLY A 69 -8.44 15.47 6.98
N VAL A 70 -7.11 15.31 6.99
CA VAL A 70 -6.39 14.81 8.15
C VAL A 70 -5.48 15.94 8.64
N GLU A 71 -5.49 16.20 9.94
CA GLU A 71 -4.76 17.31 10.51
C GLU A 71 -3.35 16.94 10.97
N PHE A 72 -2.51 17.98 11.08
CA PHE A 72 -1.26 17.92 11.79
C PHE A 72 -1.39 17.19 13.11
N ALA A 73 -0.42 16.33 13.41
CA ALA A 73 -0.27 15.66 14.69
C ALA A 73 -1.23 14.51 14.97
N GLU A 74 -2.11 14.20 14.03
CA GLU A 74 -2.91 12.99 14.14
C GLU A 74 -2.02 11.77 14.01
N ILE A 75 -2.42 10.71 14.71
CA ILE A 75 -1.91 9.37 14.47
C ILE A 75 -3.08 8.59 13.89
N CYS A 76 -2.82 8.03 12.73
CA CYS A 76 -3.82 7.20 12.06
CA CYS A 76 -3.79 7.21 12.01
C CYS A 76 -3.30 5.78 11.86
N ASP A 77 -4.23 4.91 11.50
CA ASP A 77 -3.95 3.51 11.28
C ASP A 77 -4.17 3.26 9.80
N ILE A 78 -3.14 2.78 9.14
CA ILE A 78 -3.29 2.33 7.76
C ILE A 78 -3.64 0.84 7.81
N ARG A 79 -4.79 0.49 7.27
CA ARG A 79 -5.28 -0.89 7.18
C ARG A 79 -5.06 -1.38 5.77
N THR A 80 -4.36 -2.51 5.63
CA THR A 80 -3.97 -3.04 4.31
C THR A 80 -4.30 -4.50 4.21
N SER A 81 -4.88 -4.85 3.07
CA SER A 81 -5.10 -6.26 2.74
C SER A 81 -4.95 -6.41 1.24
N PHE A 82 -4.70 -7.62 0.79
CA PHE A 82 -4.62 -7.86 -0.64
C PHE A 82 -5.22 -9.19 -1.01
N THR A 83 -5.56 -9.31 -2.28
CA THR A 83 -5.99 -10.55 -2.86
C THR A 83 -5.16 -10.80 -4.14
N LEU A 84 -5.03 -12.08 -4.49
CA LEU A 84 -4.44 -12.49 -5.76
C LEU A 84 -5.52 -12.36 -6.81
N ASP A 85 -5.19 -11.78 -7.96
CA ASP A 85 -6.12 -11.64 -9.08
C ASP A 85 -5.45 -12.36 -10.26
N GLY A 86 -5.78 -13.65 -10.41
CA GLY A 86 -5.13 -14.48 -11.41
C GLY A 86 -3.73 -14.81 -10.94
N LYS A 87 -2.83 -15.01 -11.90
CA LYS A 87 -1.44 -15.43 -11.65
C LYS A 87 -0.46 -14.27 -11.45
N TYR A 88 -0.82 -13.12 -12.01
CA TYR A 88 0.13 -12.03 -12.26
C TYR A 88 -0.04 -10.81 -11.36
N LYS A 89 -1.23 -10.66 -10.77
CA LYS A 89 -1.65 -9.39 -10.18
C LYS A 89 -2.12 -9.55 -8.78
N THR A 90 -1.80 -8.54 -7.99
CA THR A 90 -2.24 -8.43 -6.63
CA THR A 90 -2.31 -8.43 -6.63
C THR A 90 -3.09 -7.13 -6.50
N LEU A 91 -4.24 -7.26 -5.88
CA LEU A 91 -5.16 -6.13 -5.68
C LEU A 91 -5.16 -5.78 -4.19
N TRP A 92 -4.70 -4.58 -3.88
CA TRP A 92 -4.53 -4.13 -2.51
C TRP A 92 -5.61 -3.14 -2.13
N ARG A 93 -6.23 -3.37 -0.98
CA ARG A 93 -7.17 -2.38 -0.41
C ARG A 93 -6.44 -1.76 0.75
N GLN A 94 -6.28 -0.44 0.70
CA GLN A 94 -5.61 0.26 1.76
C GLN A 94 -6.46 1.44 2.22
N GLU A 95 -6.48 1.66 3.54
CA GLU A 95 -7.38 2.66 4.11
C GLU A 95 -6.72 3.34 5.26
N VAL A 96 -6.91 4.66 5.33
CA VAL A 96 -6.45 5.45 6.48
C VAL A 96 -7.63 5.59 7.44
N TRP A 97 -7.45 5.12 8.67
CA TRP A 97 -8.49 5.17 9.69
C TRP A 97 -8.08 5.93 10.92
N ARG A 98 -9.09 6.60 11.48
CA ARG A 98 -9.04 7.16 12.84
C ARG A 98 -9.69 6.22 13.83
N PRO A 99 -9.22 6.28 15.08
CA PRO A 99 -9.80 5.46 16.13
C PRO A 99 -11.26 5.84 16.31
N GLY A 100 -12.11 4.83 16.32
CA GLY A 100 -13.52 5.04 16.58
C GLY A 100 -14.36 5.53 15.42
N ALA A 101 -13.74 5.90 14.29
CA ALA A 101 -14.47 6.27 13.10
C ALA A 101 -15.29 5.09 12.57
N SER A 102 -16.31 5.42 11.80
CA SER A 102 -17.14 4.39 11.15
CA SER A 102 -17.16 4.40 11.15
C SER A 102 -16.83 4.25 9.66
N ARG A 103 -15.98 5.15 9.15
CA ARG A 103 -15.57 5.09 7.76
C ARG A 103 -14.14 5.63 7.68
N ALA A 104 -13.46 5.23 6.62
CA ALA A 104 -12.07 5.61 6.38
C ALA A 104 -11.95 7.08 5.97
N ALA A 105 -10.85 7.71 6.35
CA ALA A 105 -10.52 9.05 5.84
C ALA A 105 -10.12 9.08 4.38
N VAL A 106 -9.36 8.02 4.00
CA VAL A 106 -8.80 7.88 2.63
C VAL A 106 -8.83 6.40 2.29
N ILE A 107 -9.24 6.11 1.06
CA ILE A 107 -9.25 4.76 0.52
C ILE A 107 -8.43 4.73 -0.75
N GLY A 108 -7.64 3.65 -0.85
CA GLY A 108 -6.90 3.30 -2.05
C GLY A 108 -7.13 1.85 -2.51
N ASP A 109 -7.43 1.71 -3.79
CA ASP A 109 -7.39 0.39 -4.45
C ASP A 109 -6.19 0.42 -5.38
N ILE A 110 -5.24 -0.44 -5.06
CA ILE A 110 -3.93 -0.49 -5.74
C ILE A 110 -3.76 -1.84 -6.46
N GLU A 111 -3.45 -1.76 -7.75
CA GLU A 111 -3.16 -2.96 -8.54
CA GLU A 111 -3.17 -2.96 -8.53
C GLU A 111 -1.68 -3.02 -8.79
N MET A 112 -1.09 -4.11 -8.35
CA MET A 112 0.33 -4.37 -8.54
CA MET A 112 0.32 -4.35 -8.56
C MET A 112 0.53 -5.55 -9.48
N VAL A 113 1.48 -5.38 -10.39
CA VAL A 113 1.84 -6.44 -11.32
C VAL A 113 3.23 -6.96 -10.99
N CYS A 114 3.43 -8.21 -11.37
CA CYS A 114 4.69 -8.92 -11.18
C CYS A 114 5.35 -9.03 -12.57
N LEU A 115 6.46 -8.33 -12.71
CA LEU A 115 7.18 -8.16 -14.01
C LEU A 115 8.59 -8.72 -13.99
N ASP A 116 8.97 -9.29 -15.13
CA ASP A 116 10.36 -9.68 -15.36
C ASP A 116 11.16 -8.47 -15.91
N LYS A 117 12.43 -8.67 -16.18
CA LYS A 117 13.30 -7.58 -16.65
C LYS A 117 12.98 -7.11 -18.08
N GLU A 118 12.19 -7.90 -18.79
CA GLU A 118 11.67 -7.53 -20.11
C GLU A 118 10.32 -6.82 -20.01
N LYS A 119 9.94 -6.46 -18.79
CA LYS A 119 8.64 -5.86 -18.45
C LYS A 119 7.46 -6.67 -18.98
N ARG A 120 7.60 -7.99 -18.91
CA ARG A 120 6.50 -8.91 -19.18
C ARG A 120 5.94 -9.43 -17.87
N LEU A 121 4.63 -9.66 -17.87
CA LEU A 121 3.95 -10.21 -16.70
C LEU A 121 4.46 -11.63 -16.47
N GLN A 122 4.71 -11.97 -15.22
CA GLN A 122 5.08 -13.33 -14.84
C GLN A 122 4.34 -13.75 -13.58
N PRO A 123 4.10 -15.06 -13.42
CA PRO A 123 3.35 -15.50 -12.24
C PRO A 123 4.09 -15.08 -10.96
N VAL A 124 3.34 -14.65 -9.95
CA VAL A 124 3.92 -14.44 -8.63
C VAL A 124 4.35 -15.81 -8.07
N PRO A 125 5.63 -15.96 -7.67
CA PRO A 125 6.02 -17.25 -7.07
C PRO A 125 5.29 -17.58 -5.77
N ALA A 126 5.04 -18.84 -5.50
CA ALA A 126 4.36 -19.26 -4.27
C ALA A 126 5.09 -18.81 -3.00
N ASP A 127 6.42 -18.78 -3.03
CA ASP A 127 7.16 -18.49 -1.81
C ASP A 127 6.95 -17.07 -1.27
N ILE A 128 6.83 -16.05 -2.11
CA ILE A 128 6.74 -14.68 -1.59
C ILE A 128 5.35 -14.46 -0.94
N LEU A 129 4.33 -15.16 -1.45
CA LEU A 129 2.95 -15.09 -0.94
C LEU A 129 2.73 -15.87 0.34
N ALA A 130 3.49 -16.95 0.53
CA ALA A 130 3.21 -17.97 1.56
C ALA A 130 2.91 -17.46 3.00
N SER A 131 3.64 -16.43 3.48
CA SER A 131 3.49 -15.98 4.88
C SER A 131 2.28 -15.10 5.09
N MET A 132 1.66 -14.68 3.99
CA MET A 132 0.48 -13.87 4.07
C MET A 132 -0.63 -14.54 3.25
MG MG B . 11.72 -18.69 -4.89
#